data_5LWJ
#
_entry.id   5LWJ
#
loop_
_entity.id
_entity.type
_entity.pdbx_description
1 polymer 'GTP Class II RNA (34-MER)'
2 non-polymer "GUANOSINE-5'-TRIPHOSPHATE"
#
_entity_poly.entity_id   1
_entity_poly.type   'polyribonucleotide'
_entity_poly.pdbx_seq_one_letter_code
;GGCAGCCAGA(AP7)GAGCACGUAUACGCAAGGCUGUC
;
_entity_poly.pdbx_strand_id   A
#